data_4CCS
#
_entry.id   4CCS
#
_cell.length_a   130.450
_cell.length_b   130.450
_cell.length_c   56.850
_cell.angle_alpha   90.00
_cell.angle_beta   90.00
_cell.angle_gamma   120.00
#
_symmetry.space_group_name_H-M   'P 61 2 2'
#
loop_
_entity.id
_entity.type
_entity.pdbx_description
1 polymer CBIX
2 non-polymer D-MALATE
3 non-polymer 'SODIUM ION'
4 non-polymer 1,2-ETHANEDIOL
5 water water
#
_entity_poly.entity_id   1
_entity_poly.type   'polypeptide(L)'
_entity_poly.pdbx_seq_one_letter_code
;MVRNVLIVAHGQPGDPAPQQRAIEALAARVAPLVPQACVRGATLAMPGALDRADDETLIYPLFMATGWFTRSELPRRLAL
AGAPKARILPPFGSDPGLPALCLALIAQAAETQGWPLAGTRLLVAAHGSGRSRAPSEAARRIAAGLAPYAAAATCGFIEE
APFIADAARDLPERAICLPLFATQAEHVTDDLPAALSQAGFQGLVLPPVGLAPQVPAMIAESIKAALSKRP
;
_entity_poly.pdbx_strand_id   A
#
# COMPACT_ATOMS: atom_id res chain seq x y z
N ARG A 3 -13.10 -8.37 -18.01
CA ARG A 3 -13.16 -7.12 -18.74
C ARG A 3 -13.35 -5.92 -17.80
N ASN A 4 -14.36 -5.92 -16.93
CA ASN A 4 -14.57 -4.79 -16.01
C ASN A 4 -13.65 -4.91 -14.78
N VAL A 5 -12.85 -3.87 -14.50
CA VAL A 5 -11.93 -3.85 -13.35
C VAL A 5 -12.12 -2.58 -12.51
N LEU A 6 -12.29 -2.75 -11.20
CA LEU A 6 -12.41 -1.62 -10.28
C LEU A 6 -11.27 -1.68 -9.24
N ILE A 7 -10.43 -0.64 -9.20
CA ILE A 7 -9.33 -0.46 -8.23
C ILE A 7 -9.99 0.28 -7.07
N VAL A 8 -10.04 -0.38 -5.89
CA VAL A 8 -10.76 0.12 -4.73
C VAL A 8 -9.84 0.50 -3.57
N ALA A 9 -9.97 1.74 -3.09
CA ALA A 9 -9.25 2.20 -1.91
C ALA A 9 -10.17 2.24 -0.69
N HIS A 10 -9.59 2.06 0.50
CA HIS A 10 -10.30 2.23 1.77
C HIS A 10 -10.64 3.71 1.86
N GLY A 11 -11.79 4.07 2.43
CA GLY A 11 -12.05 5.51 2.55
C GLY A 11 -11.31 6.06 3.78
N GLN A 12 -11.16 7.38 3.83
CA GLN A 12 -10.55 8.07 4.97
C GLN A 12 -11.46 9.25 5.34
N PRO A 13 -11.32 9.84 6.55
CA PRO A 13 -12.16 11.01 6.91
C PRO A 13 -11.89 12.20 5.98
N GLY A 14 -12.86 13.13 5.91
CA GLY A 14 -12.75 14.33 5.10
C GLY A 14 -13.58 14.27 3.83
N ASP A 15 -13.40 15.25 2.96
CA ASP A 15 -14.09 15.35 1.67
C ASP A 15 -13.70 14.14 0.80
N PRO A 16 -14.69 13.32 0.35
CA PRO A 16 -14.35 12.17 -0.48
C PRO A 16 -13.92 12.52 -1.92
N ALA A 17 -14.22 13.75 -2.40
CA ALA A 17 -13.92 14.13 -3.79
C ALA A 17 -12.40 14.05 -4.14
N PRO A 18 -11.46 14.61 -3.31
CA PRO A 18 -10.05 14.47 -3.69
C PRO A 18 -9.56 13.00 -3.56
N GLN A 19 -10.19 12.22 -2.68
CA GLN A 19 -9.83 10.81 -2.50
C GLN A 19 -10.25 10.03 -3.76
N GLN A 20 -11.43 10.35 -4.30
CA GLN A 20 -11.94 9.72 -5.54
C GLN A 20 -11.07 10.10 -6.73
N ARG A 21 -10.70 11.39 -6.86
CA ARG A 21 -9.83 11.89 -7.95
C ARG A 21 -8.47 11.16 -7.95
N ALA A 22 -7.88 10.92 -6.76
CA ALA A 22 -6.59 10.22 -6.63
C ALA A 22 -6.68 8.77 -7.15
N ILE A 23 -7.75 8.05 -6.80
CA ILE A 23 -7.89 6.65 -7.23
C ILE A 23 -8.23 6.58 -8.74
N GLU A 24 -8.98 7.58 -9.26
CA GLU A 24 -9.27 7.67 -10.70
C GLU A 24 -7.98 7.92 -11.47
N ALA A 25 -7.08 8.79 -10.93
CA ALA A 25 -5.78 9.11 -11.53
C ALA A 25 -4.90 7.84 -11.59
N LEU A 26 -4.92 7.01 -10.53
CA LEU A 26 -4.18 5.75 -10.49
C LEU A 26 -4.74 4.76 -11.51
N ALA A 27 -6.07 4.58 -11.55
CA ALA A 27 -6.72 3.66 -12.51
C ALA A 27 -6.43 4.08 -13.96
N ALA A 28 -6.30 5.42 -14.22
CA ALA A 28 -6.00 5.96 -15.54
C ALA A 28 -4.57 5.63 -15.98
N ARG A 29 -3.63 5.45 -15.02
CA ARG A 29 -2.25 5.05 -15.31
C ARG A 29 -2.19 3.54 -15.55
N VAL A 30 -3.03 2.76 -14.86
CA VAL A 30 -3.15 1.31 -15.01
C VAL A 30 -3.74 0.98 -16.41
N ALA A 31 -4.83 1.70 -16.77
CA ALA A 31 -5.63 1.53 -18.00
C ALA A 31 -4.82 1.23 -19.31
N PRO A 32 -3.85 2.09 -19.76
CA PRO A 32 -3.13 1.77 -21.02
C PRO A 32 -2.26 0.50 -20.98
N LEU A 33 -2.07 -0.08 -19.79
CA LEU A 33 -1.26 -1.27 -19.56
C LEU A 33 -2.08 -2.57 -19.56
N VAL A 34 -3.43 -2.47 -19.53
CA VAL A 34 -4.36 -3.62 -19.57
C VAL A 34 -5.43 -3.34 -20.68
N PRO A 35 -5.04 -3.35 -22.00
CA PRO A 35 -6.01 -3.06 -23.06
C PRO A 35 -7.24 -3.98 -23.13
N GLN A 36 -7.12 -5.23 -22.66
CA GLN A 36 -8.22 -6.20 -22.67
C GLN A 36 -9.30 -5.93 -21.59
N ALA A 37 -9.10 -4.89 -20.77
CA ALA A 37 -10.03 -4.55 -19.70
C ALA A 37 -10.39 -3.06 -19.63
N CYS A 38 -11.54 -2.75 -18.99
CA CYS A 38 -12.04 -1.40 -18.73
CA CYS A 38 -11.98 -1.38 -18.74
C CYS A 38 -11.72 -1.15 -17.26
N VAL A 39 -10.68 -0.38 -16.96
CA VAL A 39 -10.20 -0.10 -15.61
C VAL A 39 -10.67 1.24 -15.07
N ARG A 40 -11.32 1.22 -13.90
CA ARG A 40 -11.79 2.45 -13.25
C ARG A 40 -11.38 2.43 -11.77
N GLY A 41 -11.38 3.59 -11.10
CA GLY A 41 -11.00 3.68 -9.69
C GLY A 41 -12.15 4.15 -8.80
N ALA A 42 -12.11 3.73 -7.53
CA ALA A 42 -13.12 4.12 -6.54
C ALA A 42 -12.56 4.14 -5.13
N THR A 43 -13.08 5.07 -4.32
CA THR A 43 -12.76 5.13 -2.90
C THR A 43 -14.03 4.78 -2.16
N LEU A 44 -13.91 3.95 -1.11
CA LEU A 44 -15.05 3.56 -0.29
C LEU A 44 -15.58 4.76 0.54
N ALA A 45 -14.88 5.92 0.52
CA ALA A 45 -15.37 7.15 1.20
C ALA A 45 -16.50 7.78 0.37
N MET A 46 -16.62 7.40 -0.91
CA MET A 46 -17.61 7.95 -1.82
C MET A 46 -18.87 7.09 -1.79
N PRO A 47 -20.06 7.69 -1.50
CA PRO A 47 -21.29 6.88 -1.52
C PRO A 47 -21.51 6.42 -2.98
N GLY A 48 -21.96 5.16 -3.14
CA GLY A 48 -22.19 4.60 -4.47
C GLY A 48 -20.89 4.22 -5.20
N ALA A 49 -19.77 4.05 -4.44
CA ALA A 49 -18.44 3.69 -4.98
C ALA A 49 -18.47 2.43 -5.84
N LEU A 50 -19.20 1.40 -5.36
CA LEU A 50 -19.32 0.08 -5.97
C LEU A 50 -20.54 -0.15 -6.86
N ASP A 51 -21.39 0.86 -7.12
CA ASP A 51 -22.57 0.56 -7.93
C ASP A 51 -22.24 0.44 -9.45
N ARG A 52 -21.00 0.72 -9.88
CA ARG A 52 -20.59 0.53 -11.28
C ARG A 52 -20.17 -0.95 -11.51
N ALA A 53 -19.93 -1.69 -10.41
CA ALA A 53 -19.52 -3.09 -10.44
C ALA A 53 -20.70 -4.03 -10.66
N ASP A 54 -20.45 -5.18 -11.29
CA ASP A 54 -21.42 -6.24 -11.53
C ASP A 54 -20.77 -7.60 -11.25
N ASP A 55 -21.51 -8.70 -11.46
CA ASP A 55 -21.04 -10.07 -11.22
C ASP A 55 -19.81 -10.48 -12.04
N GLU A 56 -19.51 -9.79 -13.16
CA GLU A 56 -18.33 -10.11 -13.97
C GLU A 56 -17.18 -9.10 -13.78
N THR A 57 -17.26 -8.26 -12.72
CA THR A 57 -16.21 -7.26 -12.43
C THR A 57 -15.14 -7.87 -11.53
N LEU A 58 -13.86 -7.52 -11.78
CA LEU A 58 -12.74 -7.93 -10.92
C LEU A 58 -12.42 -6.72 -10.02
N ILE A 59 -12.18 -6.96 -8.73
CA ILE A 59 -11.86 -5.92 -7.77
C ILE A 59 -10.39 -6.02 -7.35
N TYR A 60 -9.59 -4.96 -7.59
CA TYR A 60 -8.21 -4.93 -7.10
C TYR A 60 -8.21 -4.02 -5.85
N PRO A 61 -8.18 -4.62 -4.65
CA PRO A 61 -8.21 -3.81 -3.43
C PRO A 61 -6.84 -3.25 -3.03
N LEU A 62 -6.77 -1.92 -2.81
CA LEU A 62 -5.53 -1.28 -2.34
C LEU A 62 -5.38 -1.46 -0.82
N PHE A 63 -5.51 -2.70 -0.34
CA PHE A 63 -5.41 -3.02 1.09
C PHE A 63 -4.04 -3.62 1.38
N MET A 64 -3.57 -3.52 2.65
CA MET A 64 -2.25 -4.03 3.04
C MET A 64 -2.19 -5.54 3.34
N ALA A 65 -3.35 -6.14 3.64
CA ALA A 65 -3.44 -7.58 3.94
C ALA A 65 -4.86 -8.08 3.71
N THR A 66 -5.03 -9.42 3.76
CA THR A 66 -6.30 -10.12 3.66
C THR A 66 -6.85 -10.16 5.11
N GLY A 67 -8.18 -10.25 5.28
CA GLY A 67 -8.80 -10.31 6.60
C GLY A 67 -10.32 -10.20 6.52
N TRP A 68 -10.96 -9.77 7.63
CA TRP A 68 -12.41 -9.59 7.72
C TRP A 68 -12.96 -8.71 6.59
N PHE A 69 -12.23 -7.64 6.23
CA PHE A 69 -12.67 -6.74 5.16
C PHE A 69 -12.73 -7.44 3.79
N THR A 70 -11.62 -8.07 3.35
CA THR A 70 -11.58 -8.78 2.05
C THR A 70 -12.50 -10.01 2.00
N ARG A 71 -12.60 -10.74 3.13
CA ARG A 71 -13.38 -11.98 3.23
C ARG A 71 -14.88 -11.79 3.49
N SER A 72 -15.27 -10.78 4.28
CA SER A 72 -16.68 -10.59 4.64
C SER A 72 -17.29 -9.22 4.31
N GLU A 73 -16.62 -8.11 4.70
CA GLU A 73 -17.16 -6.76 4.50
C GLU A 73 -17.28 -6.34 3.03
N LEU A 74 -16.16 -6.33 2.29
CA LEU A 74 -16.13 -5.98 0.87
C LEU A 74 -17.11 -6.86 0.05
N PRO A 75 -17.22 -8.21 0.31
CA PRO A 75 -18.23 -9.01 -0.40
C PRO A 75 -19.67 -8.57 -0.07
N ARG A 76 -19.93 -8.14 1.19
CA ARG A 76 -21.23 -7.67 1.65
C ARG A 76 -21.57 -6.33 0.96
N ARG A 77 -20.62 -5.38 0.95
CA ARG A 77 -20.77 -4.07 0.28
C ARG A 77 -20.92 -4.19 -1.25
N LEU A 78 -20.48 -5.33 -1.83
CA LEU A 78 -20.59 -5.61 -3.27
C LEU A 78 -21.92 -6.33 -3.57
N ALA A 79 -22.29 -7.36 -2.76
CA ALA A 79 -23.52 -8.16 -2.90
C ALA A 79 -24.78 -7.31 -2.83
N LEU A 80 -24.77 -6.27 -1.97
CA LEU A 80 -25.88 -5.34 -1.81
C LEU A 80 -25.98 -4.44 -3.04
N ALA A 81 -24.83 -3.92 -3.51
CA ALA A 81 -24.68 -3.05 -4.68
C ALA A 81 -25.13 -3.70 -6.01
N GLY A 82 -25.40 -5.02 -6.00
CA GLY A 82 -25.85 -5.79 -7.16
C GLY A 82 -24.74 -6.66 -7.76
N ALA A 83 -23.61 -6.83 -7.03
CA ALA A 83 -22.45 -7.62 -7.49
C ALA A 83 -21.98 -8.70 -6.48
N PRO A 84 -22.82 -9.73 -6.12
CA PRO A 84 -22.37 -10.78 -5.19
C PRO A 84 -21.27 -11.69 -5.72
N LYS A 85 -21.26 -11.96 -7.04
CA LYS A 85 -20.28 -12.83 -7.68
C LYS A 85 -19.03 -12.09 -8.19
N ALA A 86 -18.87 -10.79 -7.84
CA ALA A 86 -17.69 -10.00 -8.23
C ALA A 86 -16.45 -10.58 -7.54
N ARG A 87 -15.44 -10.91 -8.34
CA ARG A 87 -14.20 -11.53 -7.89
C ARG A 87 -13.24 -10.50 -7.27
N ILE A 88 -12.77 -10.78 -6.05
CA ILE A 88 -11.81 -9.92 -5.34
C ILE A 88 -10.41 -10.51 -5.50
N LEU A 89 -9.53 -9.75 -6.14
CA LEU A 89 -8.14 -10.15 -6.36
C LEU A 89 -7.30 -10.02 -5.07
N PRO A 90 -6.07 -10.62 -5.04
CA PRO A 90 -5.19 -10.44 -3.87
C PRO A 90 -4.89 -8.94 -3.72
N PRO A 91 -4.84 -8.45 -2.47
CA PRO A 91 -4.62 -7.01 -2.24
C PRO A 91 -3.21 -6.51 -2.58
N PHE A 92 -3.07 -5.18 -2.72
CA PHE A 92 -1.82 -4.44 -2.97
C PHE A 92 -0.69 -4.95 -2.06
N GLY A 93 -0.96 -5.13 -0.76
CA GLY A 93 0.05 -5.56 0.21
C GLY A 93 0.64 -6.96 -0.08
N SER A 94 -0.15 -7.85 -0.70
CA SER A 94 0.29 -9.20 -1.03
CA SER A 94 0.25 -9.22 -1.04
C SER A 94 0.73 -9.33 -2.49
N ASP A 95 0.81 -8.20 -3.21
CA ASP A 95 1.22 -8.22 -4.61
C ASP A 95 2.64 -8.81 -4.77
N PRO A 96 2.84 -9.79 -5.69
CA PRO A 96 4.17 -10.40 -5.86
C PRO A 96 5.27 -9.39 -6.16
N GLY A 97 4.95 -8.26 -6.81
CA GLY A 97 5.95 -7.24 -7.16
C GLY A 97 6.29 -6.23 -6.07
N LEU A 98 5.58 -6.26 -4.93
CA LEU A 98 5.81 -5.26 -3.88
C LEU A 98 7.23 -5.33 -3.23
N PRO A 99 7.78 -6.54 -2.88
CA PRO A 99 9.12 -6.54 -2.28
C PRO A 99 10.21 -5.98 -3.20
N ALA A 100 10.14 -6.28 -4.52
CA ALA A 100 11.13 -5.77 -5.48
C ALA A 100 10.97 -4.24 -5.63
N LEU A 101 9.72 -3.75 -5.61
CA LEU A 101 9.46 -2.30 -5.68
C LEU A 101 10.09 -1.55 -4.49
N CYS A 102 9.91 -2.09 -3.26
CA CYS A 102 10.48 -1.51 -2.03
C CYS A 102 11.99 -1.48 -2.12
N LEU A 103 12.59 -2.57 -2.63
CA LEU A 103 14.05 -2.64 -2.78
C LEU A 103 14.57 -1.62 -3.78
N ALA A 104 13.92 -1.47 -4.95
CA ALA A 104 14.35 -0.50 -5.97
C ALA A 104 14.24 0.95 -5.43
N LEU A 105 13.14 1.26 -4.70
CA LEU A 105 12.99 2.62 -4.14
C LEU A 105 14.07 2.94 -3.12
N ILE A 106 14.37 2.00 -2.22
CA ILE A 106 15.39 2.16 -1.18
C ILE A 106 16.81 2.24 -1.79
N ALA A 107 17.10 1.38 -2.79
CA ALA A 107 18.40 1.39 -3.48
C ALA A 107 18.60 2.74 -4.22
N GLN A 108 17.56 3.22 -4.91
CA GLN A 108 17.59 4.53 -5.62
C GLN A 108 17.86 5.66 -4.62
N ALA A 109 17.16 5.63 -3.46
CA ALA A 109 17.30 6.64 -2.39
C ALA A 109 18.70 6.68 -1.83
N ALA A 110 19.28 5.49 -1.49
CA ALA A 110 20.64 5.39 -0.95
C ALA A 110 21.67 5.96 -1.92
N GLU A 111 21.49 5.71 -3.24
CA GLU A 111 22.37 6.18 -4.32
C GLU A 111 22.33 7.70 -4.43
N THR A 112 21.14 8.33 -4.32
CA THR A 112 21.03 9.80 -4.37
C THR A 112 21.75 10.45 -3.16
N GLN A 113 21.71 9.80 -1.99
CA GLN A 113 22.36 10.30 -0.78
C GLN A 113 23.88 10.07 -0.75
N GLY A 114 24.38 9.21 -1.66
CA GLY A 114 25.79 8.86 -1.71
C GLY A 114 26.14 7.89 -0.57
N TRP A 115 25.14 7.11 -0.10
CA TRP A 115 25.34 6.13 0.97
C TRP A 115 25.36 4.72 0.36
N PRO A 116 26.31 3.84 0.79
CA PRO A 116 26.29 2.46 0.30
C PRO A 116 25.12 1.74 0.99
N LEU A 117 24.31 1.02 0.22
CA LEU A 117 23.14 0.32 0.76
C LEU A 117 23.49 -0.63 1.91
N ALA A 118 24.64 -1.33 1.82
CA ALA A 118 25.10 -2.25 2.87
C ALA A 118 25.40 -1.56 4.20
N GLY A 119 25.71 -0.25 4.17
CA GLY A 119 26.00 0.53 5.37
C GLY A 119 24.81 1.42 5.81
N THR A 120 23.60 1.17 5.27
CA THR A 120 22.39 1.94 5.58
C THR A 120 21.39 1.10 6.39
N ARG A 121 20.80 1.70 7.42
CA ARG A 121 19.81 1.07 8.29
C ARG A 121 18.42 1.35 7.68
N LEU A 122 17.56 0.31 7.61
CA LEU A 122 16.23 0.45 7.02
C LEU A 122 15.09 0.36 8.01
N LEU A 123 14.09 1.23 7.86
CA LEU A 123 12.88 1.22 8.69
C LEU A 123 11.62 1.19 7.81
N VAL A 124 10.85 0.13 7.93
CA VAL A 124 9.60 -0.04 7.19
C VAL A 124 8.51 0.46 8.16
N ALA A 125 7.87 1.60 7.82
CA ALA A 125 6.81 2.16 8.67
C ALA A 125 5.44 1.80 8.10
N ALA A 126 4.56 1.22 8.91
CA ALA A 126 3.26 0.80 8.41
C ALA A 126 2.16 1.02 9.45
N HIS A 127 0.90 1.01 9.00
CA HIS A 127 -0.23 1.21 9.89
C HIS A 127 -0.32 0.09 10.92
N GLY A 128 -0.17 -1.17 10.47
CA GLY A 128 -0.32 -2.32 11.34
C GLY A 128 -1.83 -2.50 11.58
N SER A 129 -2.19 -3.22 12.65
CA SER A 129 -3.60 -3.46 12.99
C SER A 129 -3.73 -3.89 14.44
N GLY A 130 -4.82 -3.49 15.08
CA GLY A 130 -5.13 -3.88 16.46
C GLY A 130 -6.06 -5.11 16.47
N ARG A 131 -6.70 -5.42 15.32
CA ARG A 131 -7.66 -6.52 15.18
C ARG A 131 -7.12 -7.76 14.43
N SER A 132 -5.96 -7.64 13.74
CA SER A 132 -5.37 -8.74 12.98
C SER A 132 -3.85 -8.73 13.03
N ARG A 133 -3.24 -9.92 12.94
CA ARG A 133 -1.78 -10.10 12.92
C ARG A 133 -1.23 -10.08 11.49
N ALA A 134 -2.11 -10.18 10.47
CA ALA A 134 -1.74 -10.20 9.05
C ALA A 134 -0.95 -8.95 8.54
N PRO A 135 -1.36 -7.68 8.86
CA PRO A 135 -0.57 -6.53 8.38
C PRO A 135 0.87 -6.47 8.93
N SER A 136 1.07 -6.72 10.23
CA SER A 136 2.43 -6.68 10.78
C SER A 136 3.29 -7.85 10.29
N GLU A 137 2.68 -9.03 10.08
CA GLU A 137 3.45 -10.17 9.53
C GLU A 137 3.91 -9.82 8.11
N ALA A 138 3.02 -9.17 7.31
CA ALA A 138 3.34 -8.75 5.96
C ALA A 138 4.45 -7.69 5.92
N ALA A 139 4.44 -6.71 6.87
CA ALA A 139 5.49 -5.69 6.93
C ALA A 139 6.81 -6.30 7.36
N ARG A 140 6.78 -7.29 8.29
CA ARG A 140 8.03 -7.97 8.70
C ARG A 140 8.61 -8.79 7.57
N ARG A 141 7.73 -9.39 6.73
CA ARG A 141 8.18 -10.15 5.55
C ARG A 141 8.92 -9.19 4.60
N ILE A 142 8.39 -7.95 4.42
CA ILE A 142 9.04 -6.94 3.58
C ILE A 142 10.44 -6.60 4.17
N ALA A 143 10.50 -6.21 5.46
CA ALA A 143 11.77 -5.87 6.12
C ALA A 143 12.78 -7.02 6.03
N ALA A 144 12.34 -8.27 6.30
CA ALA A 144 13.23 -9.45 6.23
C ALA A 144 13.76 -9.70 4.81
N GLY A 145 13.02 -9.28 3.76
CA GLY A 145 13.44 -9.42 2.37
C GLY A 145 14.43 -8.33 1.96
N LEU A 146 14.35 -7.15 2.63
CA LEU A 146 15.25 -6.04 2.34
C LEU A 146 16.58 -6.16 3.11
N ALA A 147 16.52 -6.69 4.35
CA ALA A 147 17.65 -6.83 5.27
C ALA A 147 18.95 -7.44 4.65
N PRO A 148 18.89 -8.45 3.73
CA PRO A 148 20.14 -8.99 3.16
C PRO A 148 20.92 -8.00 2.31
N TYR A 149 20.26 -6.93 1.84
CA TYR A 149 20.88 -5.92 0.99
C TYR A 149 21.40 -4.70 1.74
N ALA A 150 21.06 -4.59 3.04
CA ALA A 150 21.41 -3.43 3.85
C ALA A 150 22.10 -3.78 5.16
N ALA A 151 22.33 -2.78 6.04
CA ALA A 151 22.96 -2.99 7.35
C ALA A 151 22.02 -3.79 8.26
N ALA A 152 20.71 -3.45 8.21
CA ALA A 152 19.63 -4.10 8.98
C ALA A 152 18.29 -3.53 8.51
N ALA A 153 17.19 -4.22 8.82
CA ALA A 153 15.85 -3.71 8.49
C ALA A 153 14.88 -4.09 9.58
N THR A 154 14.14 -3.10 10.10
CA THR A 154 13.14 -3.32 11.13
C THR A 154 11.85 -2.61 10.75
N CYS A 155 10.79 -2.87 11.52
CA CYS A 155 9.46 -2.29 11.30
C CYS A 155 9.08 -1.41 12.47
N GLY A 156 8.16 -0.47 12.21
CA GLY A 156 7.55 0.40 13.20
C GLY A 156 6.11 0.54 12.76
N PHE A 157 5.18 0.51 13.71
CA PHE A 157 3.77 0.59 13.41
C PHE A 157 3.04 1.74 14.12
N ILE A 158 1.84 2.06 13.62
CA ILE A 158 1.01 3.10 14.23
C ILE A 158 0.05 2.46 15.24
N GLU A 159 -0.56 1.31 14.88
CA GLU A 159 -1.58 0.63 15.70
C GLU A 159 -1.07 -0.40 16.70
N GLU A 160 0.18 -0.85 16.58
CA GLU A 160 0.67 -1.90 17.44
C GLU A 160 2.14 -1.78 17.70
N ALA A 161 2.62 -2.50 18.73
CA ALA A 161 4.03 -2.51 19.07
C ALA A 161 4.75 -3.40 18.03
N PRO A 162 6.00 -3.06 17.62
CA PRO A 162 6.79 -1.91 18.06
C PRO A 162 6.23 -0.62 17.44
N PHE A 163 5.94 0.39 18.31
CA PHE A 163 5.40 1.69 17.92
CA PHE A 163 5.41 1.68 17.85
C PHE A 163 6.48 2.45 17.13
N ILE A 164 6.10 3.13 16.05
CA ILE A 164 7.03 3.88 15.22
C ILE A 164 7.88 4.90 16.03
N ALA A 165 7.30 5.58 17.06
CA ALA A 165 8.04 6.51 17.92
C ALA A 165 9.19 5.82 18.67
N ASP A 166 9.07 4.51 18.94
CA ASP A 166 10.09 3.70 19.60
C ASP A 166 11.07 3.09 18.58
N ALA A 167 10.54 2.49 17.51
CA ALA A 167 11.30 1.80 16.45
C ALA A 167 12.27 2.71 15.69
N ALA A 168 11.90 4.00 15.52
CA ALA A 168 12.75 4.98 14.83
C ALA A 168 13.75 5.66 15.76
N ARG A 169 13.69 5.42 17.07
CA ARG A 169 14.58 6.05 18.03
C ARG A 169 15.97 5.36 18.04
N ASP A 170 17.04 6.14 18.31
CA ASP A 170 18.44 5.69 18.41
C ASP A 170 18.96 4.99 17.11
N LEU A 171 18.53 5.46 15.94
CA LEU A 171 19.03 4.95 14.67
C LEU A 171 20.10 5.94 14.18
N PRO A 172 21.05 5.51 13.30
CA PRO A 172 22.06 6.46 12.82
C PRO A 172 21.53 7.44 11.78
N GLU A 173 22.37 8.39 11.37
CA GLU A 173 22.04 9.38 10.34
C GLU A 173 21.80 8.67 8.99
N ARG A 174 22.58 7.61 8.70
CA ARG A 174 22.45 6.84 7.46
C ARG A 174 21.39 5.79 7.65
N ALA A 175 20.15 6.25 7.52
CA ALA A 175 18.95 5.45 7.69
C ALA A 175 17.89 5.94 6.73
N ILE A 176 17.07 5.01 6.24
CA ILE A 176 15.99 5.33 5.29
C ILE A 176 14.71 4.71 5.83
N CYS A 177 13.66 5.52 5.90
CA CYS A 177 12.33 5.07 6.27
C CYS A 177 11.41 5.06 5.03
N LEU A 178 10.85 3.89 4.73
CA LEU A 178 9.88 3.71 3.65
C LEU A 178 8.49 3.50 4.25
N PRO A 179 7.52 4.41 3.97
CA PRO A 179 6.14 4.24 4.48
C PRO A 179 5.42 3.21 3.61
N LEU A 180 5.03 2.09 4.23
CA LEU A 180 4.36 1.03 3.54
C LEU A 180 2.85 1.28 3.56
N PHE A 181 2.42 2.27 2.74
CA PHE A 181 1.03 2.71 2.59
C PHE A 181 0.64 2.68 1.11
N ALA A 182 -0.58 2.19 0.82
CA ALA A 182 -1.10 2.07 -0.54
C ALA A 182 -1.62 3.39 -1.11
N THR A 183 -2.09 4.32 -0.25
CA THR A 183 -2.62 5.62 -0.71
C THR A 183 -2.09 6.76 0.11
N GLN A 184 -2.05 7.96 -0.50
CA GLN A 184 -1.62 9.17 0.20
C GLN A 184 -2.60 9.51 1.34
N ALA A 185 -3.93 9.33 1.12
CA ALA A 185 -4.94 9.66 2.15
C ALA A 185 -4.70 8.84 3.43
N GLU A 186 -4.44 7.52 3.30
CA GLU A 186 -4.15 6.68 4.48
C GLU A 186 -2.84 7.06 5.14
N HIS A 187 -1.81 7.39 4.33
CA HIS A 187 -0.50 7.81 4.82
C HIS A 187 -0.61 9.09 5.66
N VAL A 188 -1.23 10.16 5.11
CA VAL A 188 -1.38 11.49 5.76
C VAL A 188 -2.12 11.35 7.11
N THR A 189 -3.20 10.55 7.15
CA THR A 189 -3.97 10.30 8.40
C THR A 189 -3.09 9.86 9.58
N ASP A 190 -2.11 8.99 9.33
CA ASP A 190 -1.24 8.45 10.37
C ASP A 190 -0.18 9.42 10.89
N ASP A 191 0.03 10.56 10.20
CA ASP A 191 0.97 11.60 10.62
C ASP A 191 2.36 11.07 11.03
N LEU A 192 3.01 10.34 10.10
CA LEU A 192 4.36 9.81 10.30
C LEU A 192 5.37 10.91 10.64
N PRO A 193 5.27 12.15 10.04
CA PRO A 193 6.24 13.19 10.41
C PRO A 193 6.27 13.48 11.91
N ALA A 194 5.11 13.51 12.59
CA ALA A 194 5.04 13.76 14.03
C ALA A 194 5.66 12.63 14.85
N ALA A 195 5.41 11.36 14.44
CA ALA A 195 5.94 10.16 15.10
C ALA A 195 7.46 10.08 14.93
N LEU A 196 7.95 10.38 13.73
CA LEU A 196 9.39 10.36 13.46
C LEU A 196 10.09 11.52 14.13
N SER A 197 9.39 12.66 14.32
CA SER A 197 9.96 13.82 15.02
C SER A 197 10.13 13.46 16.51
N GLN A 198 9.08 12.86 17.13
CA GLN A 198 9.14 12.41 18.53
C GLN A 198 10.29 11.42 18.74
N ALA A 199 10.53 10.55 17.74
CA ALA A 199 11.62 9.56 17.82
C ALA A 199 13.01 10.18 17.70
N GLY A 200 13.10 11.37 17.11
CA GLY A 200 14.37 12.05 16.84
C GLY A 200 15.02 11.41 15.61
N PHE A 201 14.20 10.90 14.67
CA PHE A 201 14.69 10.26 13.45
C PHE A 201 15.50 11.26 12.60
N GLN A 202 16.75 10.90 12.28
CA GLN A 202 17.67 11.77 11.52
C GLN A 202 17.82 11.37 10.06
N GLY A 203 17.27 10.22 9.68
CA GLY A 203 17.45 9.72 8.31
C GLY A 203 16.47 10.29 7.29
N LEU A 204 16.47 9.69 6.11
CA LEU A 204 15.66 10.07 4.98
C LEU A 204 14.30 9.40 5.06
N VAL A 205 13.23 10.17 4.84
CA VAL A 205 11.87 9.62 4.87
C VAL A 205 11.33 9.71 3.47
N LEU A 206 11.05 8.56 2.87
CA LEU A 206 10.57 8.50 1.49
C LEU A 206 9.06 8.74 1.36
N PRO A 207 8.56 9.05 0.14
CA PRO A 207 7.12 9.13 -0.10
C PRO A 207 6.52 7.70 0.12
N PRO A 208 5.19 7.56 0.41
CA PRO A 208 4.58 6.23 0.58
C PRO A 208 4.72 5.41 -0.70
N VAL A 209 4.93 4.08 -0.54
CA VAL A 209 5.17 3.15 -1.65
C VAL A 209 4.05 3.19 -2.72
N GLY A 210 2.77 3.41 -2.33
CA GLY A 210 1.64 3.47 -3.27
C GLY A 210 1.75 4.56 -4.35
N LEU A 211 2.62 5.57 -4.14
CA LEU A 211 2.82 6.66 -5.11
C LEU A 211 3.97 6.42 -6.08
N ALA A 212 4.68 5.28 -5.95
CA ALA A 212 5.84 4.98 -6.81
C ALA A 212 5.48 4.89 -8.29
N PRO A 213 6.42 5.26 -9.20
CA PRO A 213 6.11 5.19 -10.64
C PRO A 213 5.81 3.81 -11.18
N GLN A 214 6.35 2.75 -10.52
CA GLN A 214 6.13 1.38 -10.99
C GLN A 214 4.84 0.73 -10.49
N VAL A 215 4.07 1.41 -9.61
CA VAL A 215 2.83 0.83 -9.07
C VAL A 215 1.80 0.52 -10.19
N PRO A 216 1.49 1.44 -11.15
CA PRO A 216 0.52 1.08 -12.20
C PRO A 216 0.88 -0.22 -12.96
N ALA A 217 2.16 -0.43 -13.31
CA ALA A 217 2.61 -1.64 -14.02
C ALA A 217 2.44 -2.88 -13.14
N MET A 218 2.71 -2.75 -11.83
CA MET A 218 2.53 -3.82 -10.86
C MET A 218 1.06 -4.25 -10.79
N ILE A 219 0.13 -3.28 -10.67
CA ILE A 219 -1.32 -3.56 -10.61
C ILE A 219 -1.77 -4.21 -11.94
N ALA A 220 -1.33 -3.64 -13.08
CA ALA A 220 -1.66 -4.17 -14.41
C ALA A 220 -1.28 -5.66 -14.54
N GLU A 221 -0.08 -6.05 -14.04
CA GLU A 221 0.38 -7.44 -14.13
C GLU A 221 -0.47 -8.36 -13.29
N SER A 222 -0.95 -7.88 -12.12
CA SER A 222 -1.84 -8.64 -11.25
C SER A 222 -3.25 -8.81 -11.87
N ILE A 223 -3.74 -7.80 -12.60
CA ILE A 223 -5.04 -7.86 -13.31
C ILE A 223 -4.93 -8.88 -14.47
N LYS A 224 -3.92 -8.71 -15.35
CA LYS A 224 -3.62 -9.56 -16.52
C LYS A 224 -3.52 -11.04 -16.13
N ALA A 225 -2.90 -11.33 -14.97
CA ALA A 225 -2.74 -12.70 -14.43
C ALA A 225 -4.07 -13.31 -13.99
N ALA A 226 -5.05 -12.48 -13.60
CA ALA A 226 -6.37 -12.94 -13.15
C ALA A 226 -7.40 -13.07 -14.29
N LEU A 227 -7.04 -12.60 -15.50
CA LEU A 227 -7.92 -12.69 -16.67
C LEU A 227 -7.68 -14.00 -17.43
N SER A 228 -8.67 -14.45 -18.22
CA SER A 228 -8.53 -15.66 -19.03
C SER A 228 -9.04 -15.44 -20.44
#